data_4LC5
#
_entry.id   4LC5
#
_cell.length_a   38.150
_cell.length_b   74.180
_cell.length_c   109.780
_cell.angle_alpha   90.000
_cell.angle_beta   90.000
_cell.angle_gamma   90.000
#
_symmetry.space_group_name_H-M   'P 21 21 21'
#
loop_
_entity.id
_entity.type
_entity.pdbx_description
1 polymer 'Cytidine and deoxycytidylate deaminase zinc-binding region'
2 non-polymer 'ZINC ION'
3 non-polymer 9-METHYLGUANINE
4 non-polymer 1,2-ETHANEDIOL
5 water water
#
_entity_poly.entity_id   1
_entity_poly.type   'polypeptide(L)'
_entity_poly.pdbx_seq_one_letter_code
;GHMNDALHIGLPPFLVQANNEPRVLAAPEARMGYVLELVRANIAADGGPFAAAVFERDSGLLIAAGTNRVVPGRCSAAHA
EILALSLAQAKLDTHDLSADGLPACELVTSAEPCVMCFGAVIWSGVRSLVCAARSDDVEAIGFDEGPRPENWMGGLEARG
ITVTTGLLRDAACALLREYNACNGVIYNARCGVHKGS
;
_entity_poly.pdbx_strand_id   A,B
#
# COMPACT_ATOMS: atom_id res chain seq x y z
N MET A 3 15.03 -1.21 9.73
CA MET A 3 14.60 -2.27 8.78
C MET A 3 13.58 -3.23 9.39
N ASN A 4 13.96 -3.83 10.51
CA ASN A 4 13.27 -5.03 11.04
C ASN A 4 12.44 -4.84 12.35
N ASP A 5 12.52 -3.64 12.93
CA ASP A 5 11.72 -3.22 14.08
C ASP A 5 10.54 -2.29 13.70
N ALA A 6 10.50 -1.87 12.43
CA ALA A 6 9.48 -0.92 11.96
C ALA A 6 9.27 -1.11 10.46
N LEU A 7 8.13 -0.66 9.90
CA LEU A 7 8.17 -0.45 8.45
C LEU A 7 8.71 0.98 8.36
N HIS A 8 9.83 1.13 7.65
CA HIS A 8 10.53 2.43 7.56
C HIS A 8 10.88 2.72 6.15
N ILE A 9 10.13 3.63 5.52
CA ILE A 9 10.51 4.15 4.20
C ILE A 9 11.04 5.60 4.30
N GLY A 10 12.32 5.77 4.04
CA GLY A 10 12.96 7.10 4.12
C GLY A 10 12.53 8.00 2.95
N LEU A 11 12.42 9.27 3.24
CA LEU A 11 12.03 10.29 2.24
C LEU A 11 13.29 11.00 1.80
N PRO A 12 13.54 11.08 0.47
CA PRO A 12 14.62 11.92 -0.09
C PRO A 12 14.46 13.38 0.36
N PRO A 13 15.57 14.13 0.49
CA PRO A 13 15.41 15.51 1.00
C PRO A 13 14.31 16.36 0.36
N PHE A 14 14.17 16.33 -0.98
CA PHE A 14 13.25 17.28 -1.62
C PHE A 14 11.83 16.96 -1.07
N LEU A 15 11.59 15.71 -0.71
CA LEU A 15 10.24 15.30 -0.21
C LEU A 15 10.08 15.70 1.25
N VAL A 16 11.19 15.63 2.02
CA VAL A 16 11.22 16.20 3.38
C VAL A 16 10.91 17.68 3.36
N GLN A 17 11.61 18.40 2.47
CA GLN A 17 11.38 19.84 2.23
C GLN A 17 9.88 20.14 1.90
N ALA A 18 9.31 19.39 0.95
CA ALA A 18 7.90 19.49 0.55
C ALA A 18 6.98 19.25 1.75
N ASN A 19 7.30 18.26 2.58
CA ASN A 19 6.53 18.01 3.77
C ASN A 19 6.79 18.99 4.89
N ASN A 20 7.89 19.75 4.88
CA ASN A 20 8.16 20.71 5.98
C ASN A 20 7.68 22.13 5.75
N GLU A 21 7.55 22.54 4.51
CA GLU A 21 7.33 23.94 4.26
C GLU A 21 5.82 24.25 4.13
N PRO A 22 5.28 25.18 4.94
CA PRO A 22 3.82 25.41 4.76
C PRO A 22 3.49 25.95 3.32
N ARG A 23 2.32 25.60 2.78
CA ARG A 23 2.04 25.86 1.39
C ARG A 23 0.53 25.80 1.16
N VAL A 24 0.01 26.83 0.50
CA VAL A 24 -1.45 26.87 0.18
C VAL A 24 -1.53 27.04 -1.33
N LEU A 25 -2.25 26.16 -2.03
CA LEU A 25 -2.44 26.25 -3.47
C LEU A 25 -3.91 26.14 -3.70
N ALA A 26 -4.59 27.20 -4.10
CA ALA A 26 -6.06 27.17 -4.19
C ALA A 26 -6.63 26.46 -5.40
N ALA A 27 -6.18 26.82 -6.63
CA ALA A 27 -6.74 26.24 -7.86
C ALA A 27 -6.26 24.82 -8.06
N PRO A 28 -7.13 23.96 -8.64
CA PRO A 28 -6.71 22.56 -8.90
C PRO A 28 -5.45 22.57 -9.72
N GLU A 29 -5.36 23.48 -10.69
CA GLU A 29 -4.13 23.49 -11.55
C GLU A 29 -2.90 23.87 -10.75
N ALA A 30 -3.09 24.76 -9.77
CA ALA A 30 -1.95 25.08 -8.92
C ALA A 30 -1.50 23.82 -8.13
N ARG A 31 -2.46 23.09 -7.56
CA ARG A 31 -2.14 21.90 -6.76
C ARG A 31 -1.45 20.89 -7.68
N MET A 32 -1.99 20.69 -8.90
CA MET A 32 -1.38 19.63 -9.76
C MET A 32 0.02 20.09 -10.28
N GLY A 33 0.17 21.41 -10.52
CA GLY A 33 1.46 21.97 -10.93
C GLY A 33 2.52 21.63 -9.94
N TYR A 34 2.19 21.81 -8.67
CA TYR A 34 3.11 21.48 -7.62
C TYR A 34 3.41 19.92 -7.57
N VAL A 35 2.38 19.11 -7.63
CA VAL A 35 2.55 17.67 -7.67
C VAL A 35 3.48 17.26 -8.85
N LEU A 36 3.30 17.89 -10.03
CA LEU A 36 4.19 17.59 -11.17
C LEU A 36 5.63 18.08 -10.96
N GLU A 37 5.84 19.16 -10.24
CA GLU A 37 7.23 19.46 -9.80
C GLU A 37 7.84 18.32 -8.98
N LEU A 38 7.05 17.71 -8.10
CA LEU A 38 7.58 16.60 -7.27
C LEU A 38 7.92 15.39 -8.11
N VAL A 39 7.14 15.18 -9.20
CA VAL A 39 7.37 14.08 -10.13
C VAL A 39 8.77 14.28 -10.74
N ARG A 40 9.04 15.44 -11.34
CA ARG A 40 10.32 15.77 -11.91
C ARG A 40 11.45 15.61 -10.88
N ALA A 41 11.30 16.18 -9.68
CA ALA A 41 12.30 15.98 -8.60
C ALA A 41 12.49 14.53 -8.19
N ASN A 42 11.42 13.72 -8.19
CA ASN A 42 11.55 12.35 -7.76
C ASN A 42 12.38 11.52 -8.74
N ILE A 43 12.16 11.82 -10.00
CA ILE A 43 12.81 11.14 -11.12
C ILE A 43 14.30 11.46 -11.04
N ALA A 44 14.64 12.71 -10.75
CA ALA A 44 16.06 13.04 -10.59
C ALA A 44 16.64 12.45 -9.30
N ALA A 45 15.79 12.11 -8.31
CA ALA A 45 16.27 11.34 -7.10
C ALA A 45 15.98 9.82 -7.10
N ASP A 46 16.12 9.18 -8.25
CA ASP A 46 16.08 7.72 -8.37
C ASP A 46 14.69 7.05 -8.16
N GLY A 47 13.60 7.82 -8.19
CA GLY A 47 12.29 7.22 -7.88
C GLY A 47 11.46 7.10 -9.13
N GLY A 48 10.24 6.57 -9.02
CA GLY A 48 9.39 6.37 -10.20
C GLY A 48 8.78 7.71 -10.57
N PRO A 49 8.25 7.81 -11.80
CA PRO A 49 7.68 9.06 -12.32
C PRO A 49 6.24 9.43 -11.79
N PHE A 50 6.05 9.45 -10.45
CA PHE A 50 4.69 9.59 -9.85
C PHE A 50 4.83 10.30 -8.58
N ALA A 51 3.87 11.19 -8.29
CA ALA A 51 3.87 11.99 -7.09
C ALA A 51 2.42 12.24 -6.73
N ALA A 52 2.15 12.60 -5.47
CA ALA A 52 0.78 12.87 -5.04
C ALA A 52 0.87 13.67 -3.75
N ALA A 53 -0.20 14.44 -3.44
CA ALA A 53 -0.16 15.25 -2.23
C ALA A 53 -1.59 15.29 -1.74
N VAL A 54 -1.72 15.39 -0.42
CA VAL A 54 -3.01 15.50 0.23
C VAL A 54 -3.15 17.00 0.58
N PHE A 55 -4.23 17.59 0.14
CA PHE A 55 -4.55 18.99 0.48
C PHE A 55 -5.83 19.05 1.26
N GLU A 56 -6.00 20.09 2.08
CA GLU A 56 -7.32 20.42 2.51
C GLU A 56 -8.13 20.81 1.28
N ARG A 57 -9.23 20.11 1.08
CA ARG A 57 -10.03 20.35 -0.13
C ARG A 57 -10.43 21.85 -0.26
N ASP A 58 -10.97 22.41 0.80
CA ASP A 58 -11.49 23.79 0.71
C ASP A 58 -10.52 24.95 0.95
N SER A 59 -9.40 24.73 1.60
CA SER A 59 -8.53 25.87 1.87
C SER A 59 -7.28 25.83 0.98
N GLY A 60 -6.98 24.67 0.37
CA GLY A 60 -5.78 24.48 -0.44
C GLY A 60 -4.50 24.26 0.36
N LEU A 61 -4.60 24.13 1.68
CA LEU A 61 -3.39 23.93 2.55
C LEU A 61 -2.84 22.49 2.27
N LEU A 62 -1.59 22.40 1.88
CA LEU A 62 -0.92 21.15 1.69
C LEU A 62 -0.72 20.48 3.05
N ILE A 63 -1.24 19.26 3.20
CA ILE A 63 -0.99 18.42 4.36
C ILE A 63 0.25 17.54 4.22
N ALA A 64 0.38 16.73 3.15
CA ALA A 64 1.58 15.92 3.02
C ALA A 64 1.78 15.49 1.56
N ALA A 65 3.02 15.29 1.15
CA ALA A 65 3.25 14.84 -0.24
C ALA A 65 3.97 13.53 -0.21
N GLY A 66 3.81 12.74 -1.28
CA GLY A 66 4.49 11.46 -1.39
C GLY A 66 4.94 11.30 -2.81
N THR A 67 5.88 10.41 -3.05
CA THR A 67 6.30 10.13 -4.42
C THR A 67 6.58 8.60 -4.43
N ASN A 68 6.73 8.03 -5.61
CA ASN A 68 6.99 6.65 -5.72
C ASN A 68 8.43 6.31 -5.33
N ARG A 69 8.61 5.51 -4.30
CA ARG A 69 9.93 5.18 -3.80
C ARG A 69 10.17 3.64 -3.85
N VAL A 70 9.49 2.95 -4.77
CA VAL A 70 9.48 1.48 -4.81
C VAL A 70 10.95 0.99 -4.89
N VAL A 71 11.71 1.47 -5.88
CA VAL A 71 13.10 0.97 -6.05
C VAL A 71 14.07 1.49 -5.01
N PRO A 72 14.22 2.82 -4.87
CA PRO A 72 15.14 3.23 -3.80
C PRO A 72 14.76 2.75 -2.38
N GLY A 73 13.47 2.67 -2.04
CA GLY A 73 13.07 2.24 -0.69
C GLY A 73 12.85 0.70 -0.58
N ARG A 74 13.16 -0.03 -1.65
CA ARG A 74 13.03 -1.49 -1.62
C ARG A 74 11.62 -1.90 -1.06
N CYS A 75 10.54 -1.42 -1.65
CA CYS A 75 9.20 -1.58 -1.04
C CYS A 75 8.19 -1.43 -2.17
N SER A 76 7.57 -2.53 -2.58
CA SER A 76 6.66 -2.46 -3.70
C SER A 76 5.35 -1.67 -3.34
N ALA A 77 5.08 -1.51 -2.04
CA ALA A 77 3.90 -0.74 -1.61
C ALA A 77 4.14 0.78 -1.62
N ALA A 78 5.36 1.22 -1.91
CA ALA A 78 5.75 2.65 -1.77
C ALA A 78 5.37 3.49 -2.96
N HIS A 79 4.13 3.37 -3.40
CA HIS A 79 3.63 4.20 -4.49
C HIS A 79 3.35 5.58 -3.92
N ALA A 80 3.24 6.58 -4.79
CA ALA A 80 3.14 7.99 -4.37
C ALA A 80 1.93 8.19 -3.46
N GLU A 81 0.84 7.50 -3.77
CA GLU A 81 -0.41 7.73 -3.12
C GLU A 81 -0.38 7.16 -1.69
N ILE A 82 0.22 5.98 -1.54
CA ILE A 82 0.39 5.36 -0.24
C ILE A 82 1.24 6.24 0.63
N LEU A 83 2.37 6.74 0.11
CA LEU A 83 3.16 7.66 0.94
C LEU A 83 2.40 8.94 1.32
N ALA A 84 1.80 9.59 0.33
CA ALA A 84 1.10 10.84 0.58
C ALA A 84 0.00 10.62 1.62
N LEU A 85 -0.84 9.58 1.42
CA LEU A 85 -1.98 9.33 2.35
C LEU A 85 -1.46 8.99 3.76
N SER A 86 -0.46 8.13 3.86
CA SER A 86 0.05 7.70 5.16
C SER A 86 0.72 8.88 5.84
N LEU A 87 1.48 9.69 5.11
CA LEU A 87 2.16 10.82 5.77
C LEU A 87 1.16 11.89 6.29
N ALA A 88 0.07 12.06 5.57
CA ALA A 88 -1.00 13.01 5.93
C ALA A 88 -1.68 12.50 7.24
N GLN A 89 -1.84 11.17 7.29
CA GLN A 89 -2.47 10.49 8.46
C GLN A 89 -1.58 10.61 9.67
N ALA A 90 -0.28 10.47 9.47
CA ALA A 90 0.68 10.53 10.58
C ALA A 90 0.67 11.97 11.11
N LYS A 91 0.62 12.95 10.22
CA LYS A 91 0.71 14.36 10.61
C LYS A 91 -0.57 14.81 11.33
N LEU A 92 -1.72 14.36 10.87
CA LEU A 92 -2.95 14.70 11.52
C LEU A 92 -3.33 13.68 12.63
N ASP A 93 -2.43 12.73 12.90
CA ASP A 93 -2.62 11.74 13.96
C ASP A 93 -3.94 10.96 13.93
N THR A 94 -4.29 10.42 12.79
CA THR A 94 -5.47 9.58 12.72
C THR A 94 -5.27 8.67 11.49
N HIS A 95 -5.80 7.45 11.54
CA HIS A 95 -5.91 6.60 10.35
C HIS A 95 -6.98 7.10 9.40
N ASP A 96 -7.86 8.03 9.87
CA ASP A 96 -9.05 8.32 9.10
C ASP A 96 -9.09 9.82 8.78
N LEU A 97 -8.75 10.19 7.54
CA LEU A 97 -8.71 11.60 7.17
C LEU A 97 -10.13 12.25 7.14
N SER A 98 -11.17 11.43 7.28
CA SER A 98 -12.56 11.88 7.44
C SER A 98 -12.98 11.98 8.94
N ALA A 99 -12.04 11.82 9.88
CA ALA A 99 -12.37 11.79 11.34
C ALA A 99 -13.07 13.08 11.77
N ASP A 100 -13.93 12.99 12.79
CA ASP A 100 -14.61 14.15 13.35
C ASP A 100 -13.60 15.23 13.60
N GLY A 101 -13.87 16.44 13.15
CA GLY A 101 -12.90 17.52 13.37
C GLY A 101 -11.85 17.76 12.27
N LEU A 102 -11.74 16.89 11.28
CA LEU A 102 -10.74 17.16 10.23
C LEU A 102 -11.38 17.88 9.06
N PRO A 103 -10.61 18.78 8.39
CA PRO A 103 -11.17 19.38 7.17
C PRO A 103 -11.31 18.27 6.15
N ALA A 104 -12.26 18.37 5.21
CA ALA A 104 -12.28 17.43 4.07
C ALA A 104 -10.94 17.43 3.31
N CYS A 105 -10.45 16.26 2.94
CA CYS A 105 -9.12 16.14 2.34
C CYS A 105 -9.24 15.71 0.92
N GLU A 106 -8.28 16.13 0.09
CA GLU A 106 -8.28 15.75 -1.31
C GLU A 106 -6.89 15.14 -1.62
N LEU A 107 -6.87 14.06 -2.38
CA LEU A 107 -5.61 13.56 -2.93
C LEU A 107 -5.46 14.03 -4.35
N VAL A 108 -4.37 14.72 -4.65
CA VAL A 108 -4.05 15.16 -6.03
C VAL A 108 -2.83 14.31 -6.45
N THR A 109 -2.91 13.58 -7.57
CA THR A 109 -1.95 12.49 -7.93
CA THR A 109 -1.96 12.58 -7.90
C THR A 109 -1.59 12.76 -9.38
N SER A 110 -0.31 12.55 -9.69
CA SER A 110 0.19 12.79 -11.05
C SER A 110 -0.39 11.75 -12.06
N ALA A 111 -0.97 10.66 -11.57
CA ALA A 111 -1.52 9.58 -12.42
C ALA A 111 -2.74 8.90 -11.75
N GLU A 112 -3.67 8.34 -12.56
CA GLU A 112 -4.77 7.57 -12.02
C GLU A 112 -4.24 6.37 -11.22
N PRO A 113 -4.98 5.97 -10.14
CA PRO A 113 -4.34 5.06 -9.25
C PRO A 113 -4.36 3.64 -9.79
N CYS A 114 -3.32 2.87 -9.45
CA CYS A 114 -3.30 1.37 -9.66
C CYS A 114 -4.27 0.71 -8.68
N VAL A 115 -4.50 -0.60 -8.86
CA VAL A 115 -5.58 -1.24 -8.08
C VAL A 115 -5.26 -1.15 -6.60
N MET A 116 -4.00 -1.32 -6.22
CA MET A 116 -3.56 -1.11 -4.81
C MET A 116 -3.93 0.27 -4.26
N CYS A 117 -3.55 1.33 -4.99
CA CYS A 117 -3.75 2.71 -4.54
C CYS A 117 -5.22 3.11 -4.55
N PHE A 118 -5.98 2.57 -5.51
CA PHE A 118 -7.42 2.60 -5.55
C PHE A 118 -8.06 2.19 -4.19
N GLY A 119 -7.68 1.01 -3.69
CA GLY A 119 -8.13 0.58 -2.36
C GLY A 119 -7.62 1.51 -1.27
N ALA A 120 -6.35 1.95 -1.36
CA ALA A 120 -5.81 2.86 -0.31
C ALA A 120 -6.60 4.16 -0.23
N VAL A 121 -6.96 4.71 -1.40
CA VAL A 121 -7.78 5.93 -1.46
C VAL A 121 -9.13 5.69 -0.73
N ILE A 122 -9.75 4.55 -1.01
CA ILE A 122 -11.03 4.25 -0.36
C ILE A 122 -10.88 4.15 1.17
N TRP A 123 -9.82 3.51 1.69
CA TRP A 123 -9.76 3.36 3.12
C TRP A 123 -9.29 4.65 3.81
N SER A 124 -8.74 5.59 3.04
CA SER A 124 -7.99 6.68 3.64
C SER A 124 -8.84 7.77 4.31
N GLY A 125 -10.07 7.88 3.89
CA GLY A 125 -10.91 8.96 4.27
C GLY A 125 -10.87 10.24 3.44
N VAL A 126 -10.03 10.37 2.38
CA VAL A 126 -10.15 11.58 1.53
C VAL A 126 -11.50 11.61 0.84
N ARG A 127 -12.00 12.81 0.52
CA ARG A 127 -13.33 12.94 -0.08
C ARG A 127 -13.25 13.23 -1.59
N SER A 128 -12.05 13.49 -2.12
CA SER A 128 -11.87 13.72 -3.59
C SER A 128 -10.50 13.33 -4.06
N LEU A 129 -10.47 13.02 -5.34
CA LEU A 129 -9.31 12.43 -6.02
C LEU A 129 -9.20 13.19 -7.32
N VAL A 130 -7.99 13.71 -7.58
CA VAL A 130 -7.75 14.50 -8.75
C VAL A 130 -6.45 13.99 -9.39
N CYS A 131 -6.54 13.51 -10.64
CA CYS A 131 -5.45 12.85 -11.30
C CYS A 131 -5.07 13.63 -12.57
N ALA A 132 -3.79 13.54 -12.98
CA ALA A 132 -3.32 14.15 -14.20
C ALA A 132 -3.31 13.09 -15.34
N ALA A 133 -2.28 12.26 -15.35
CA ALA A 133 -2.09 11.23 -16.40
C ALA A 133 -3.20 10.16 -16.35
N ARG A 134 -3.70 9.69 -17.49
CA ARG A 134 -4.73 8.66 -17.49
C ARG A 134 -4.08 7.27 -17.46
N SER A 135 -4.87 6.26 -17.10
CA SER A 135 -4.35 4.89 -17.07
C SER A 135 -3.65 4.47 -18.39
N ASP A 136 -4.23 4.84 -19.53
CA ASP A 136 -3.59 4.56 -20.84
C ASP A 136 -2.22 5.21 -21.05
N ASP A 137 -2.04 6.42 -20.53
CA ASP A 137 -0.72 7.11 -20.60
C ASP A 137 0.33 6.35 -19.82
N VAL A 138 -0.06 5.86 -18.65
CA VAL A 138 0.84 5.15 -17.74
C VAL A 138 1.28 3.80 -18.35
N GLU A 139 0.30 3.06 -18.86
CA GLU A 139 0.53 1.79 -19.53
C GLU A 139 1.36 1.98 -20.80
N ALA A 140 1.17 3.11 -21.48
CA ALA A 140 1.95 3.41 -22.68
C ALA A 140 3.46 3.31 -22.46
N ILE A 141 3.96 3.72 -21.29
CA ILE A 141 5.38 3.60 -21.04
C ILE A 141 5.73 2.35 -20.30
N GLY A 142 4.82 1.39 -20.20
CA GLY A 142 5.19 0.09 -19.63
C GLY A 142 4.68 -0.23 -18.24
N PHE A 143 4.17 0.74 -17.48
CA PHE A 143 3.67 0.38 -16.17
C PHE A 143 2.31 -0.28 -16.29
N ASP A 144 1.94 -0.95 -15.23
CA ASP A 144 0.70 -1.72 -15.15
C ASP A 144 -0.15 -1.12 -14.03
N GLU A 145 -1.42 -0.91 -14.31
CA GLU A 145 -2.38 -0.45 -13.30
C GLU A 145 -3.00 -1.63 -12.55
N GLY A 146 -2.82 -2.84 -13.13
CA GLY A 146 -3.34 -4.06 -12.55
C GLY A 146 -4.88 -4.19 -12.68
N PRO A 147 -5.44 -5.25 -12.13
CA PRO A 147 -6.86 -5.36 -12.38
C PRO A 147 -7.71 -4.55 -11.41
N ARG A 148 -8.01 -3.30 -11.78
CA ARG A 148 -9.08 -2.54 -11.10
C ARG A 148 -10.43 -3.10 -11.40
N PRO A 149 -11.38 -2.91 -10.48
CA PRO A 149 -12.74 -3.34 -10.83
C PRO A 149 -13.33 -2.51 -11.97
N GLU A 150 -14.27 -3.12 -12.69
CA GLU A 150 -14.98 -2.44 -13.74
C GLU A 150 -15.57 -1.16 -13.12
N ASN A 151 -15.49 -0.06 -13.88
CA ASN A 151 -15.98 1.26 -13.43
C ASN A 151 -15.51 1.64 -12.02
N TRP A 152 -14.20 1.60 -11.85
CA TRP A 152 -13.59 2.02 -10.62
C TRP A 152 -13.93 3.46 -10.27
N MET A 153 -14.09 4.34 -11.25
CA MET A 153 -14.46 5.74 -10.92
C MET A 153 -15.84 5.79 -10.31
N GLY A 154 -16.77 5.01 -10.88
CA GLY A 154 -18.12 4.91 -10.29
C GLY A 154 -18.11 4.33 -8.89
N GLY A 155 -17.28 3.31 -8.72
CA GLY A 155 -16.94 2.74 -7.40
C GLY A 155 -16.60 3.84 -6.44
N LEU A 156 -15.68 4.74 -6.81
CA LEU A 156 -15.31 5.79 -5.90
C LEU A 156 -16.45 6.72 -5.54
N GLU A 157 -17.21 7.15 -6.55
CA GLU A 157 -18.24 8.13 -6.36
C GLU A 157 -19.36 7.59 -5.50
N ALA A 158 -19.69 6.32 -5.75
CA ALA A 158 -20.68 5.60 -4.90
C ALA A 158 -20.22 5.51 -3.44
N ARG A 159 -18.92 5.63 -3.18
CA ARG A 159 -18.47 5.81 -1.79
C ARG A 159 -18.26 7.25 -1.39
N GLY A 160 -18.78 8.20 -2.16
CA GLY A 160 -18.75 9.61 -1.71
C GLY A 160 -17.41 10.25 -1.98
N ILE A 161 -16.65 9.65 -2.91
CA ILE A 161 -15.30 10.20 -3.25
C ILE A 161 -15.40 10.81 -4.68
N THR A 162 -15.33 12.11 -4.78
CA THR A 162 -15.47 12.70 -6.14
C THR A 162 -14.17 12.47 -6.90
N VAL A 163 -14.27 12.22 -8.19
CA VAL A 163 -13.12 11.94 -9.04
C VAL A 163 -13.00 12.89 -10.22
N THR A 164 -11.80 13.41 -10.44
CA THR A 164 -11.49 14.29 -11.58
C THR A 164 -10.25 13.68 -12.22
N THR A 165 -10.16 13.66 -13.55
CA THR A 165 -8.91 13.18 -14.16
C THR A 165 -8.58 14.03 -15.40
N GLY A 166 -7.36 13.93 -15.88
CA GLY A 166 -6.89 14.69 -17.02
C GLY A 166 -6.40 16.07 -16.70
N LEU A 167 -6.29 16.42 -15.41
CA LEU A 167 -5.89 17.75 -15.06
C LEU A 167 -4.41 17.94 -15.32
N LEU A 168 -4.01 18.88 -16.19
CA LEU A 168 -2.57 19.01 -16.64
C LEU A 168 -2.00 17.67 -17.18
N ARG A 169 -2.86 16.89 -17.81
CA ARG A 169 -2.46 15.64 -18.38
C ARG A 169 -1.26 15.80 -19.33
N ASP A 170 -1.20 16.90 -20.11
CA ASP A 170 -0.11 17.03 -21.13
C ASP A 170 1.28 17.07 -20.51
N ALA A 171 1.43 17.93 -19.53
CA ALA A 171 2.65 18.02 -18.73
C ALA A 171 2.95 16.68 -18.03
N ALA A 172 1.89 16.05 -17.46
CA ALA A 172 2.05 14.77 -16.78
C ALA A 172 2.59 13.71 -17.79
N CYS A 173 1.99 13.60 -18.98
CA CYS A 173 2.49 12.71 -20.05
C CYS A 173 3.91 13.01 -20.48
N ALA A 174 4.24 14.30 -20.60
CA ALA A 174 5.62 14.68 -20.94
C ALA A 174 6.59 14.18 -19.88
N LEU A 175 6.21 14.22 -18.61
CA LEU A 175 7.17 13.72 -17.62
C LEU A 175 7.29 12.19 -17.65
N LEU A 176 6.20 11.49 -17.92
CA LEU A 176 6.27 10.03 -18.12
C LEU A 176 7.24 9.67 -19.26
N ARG A 177 7.10 10.33 -20.39
CA ARG A 177 8.00 10.11 -21.50
C ARG A 177 9.45 10.40 -21.14
N GLU A 178 9.73 11.44 -20.33
CA GLU A 178 11.14 11.76 -19.96
C GLU A 178 11.74 10.66 -19.17
N TYR A 179 10.94 10.08 -18.27
CA TYR A 179 11.43 8.97 -17.47
C TYR A 179 11.77 7.79 -18.37
N ASN A 180 10.91 7.55 -19.35
CA ASN A 180 10.96 6.37 -20.19
C ASN A 180 12.23 6.50 -21.02
N ALA A 181 12.41 7.68 -21.60
CA ALA A 181 13.53 7.93 -22.48
C ALA A 181 14.85 7.91 -21.73
N CYS A 182 14.82 8.04 -20.41
CA CYS A 182 16.05 7.92 -19.63
C CYS A 182 16.16 6.59 -18.95
N ASN A 183 15.26 5.68 -19.26
CA ASN A 183 15.10 4.45 -18.47
C ASN A 183 15.52 3.31 -19.38
N GLY A 184 16.84 3.19 -19.50
CA GLY A 184 17.48 2.04 -20.13
C GLY A 184 18.68 1.71 -19.23
N VAL A 185 19.74 1.18 -19.83
CA VAL A 185 21.04 0.98 -19.17
C VAL A 185 22.20 1.72 -19.92
N ILE A 186 22.04 1.96 -21.24
CA ILE A 186 23.08 2.57 -22.06
C ILE A 186 23.22 4.04 -21.73
N TYR A 187 24.34 4.43 -21.10
CA TYR A 187 24.57 5.83 -20.68
C TYR A 187 24.25 6.81 -21.79
N ASN A 188 23.44 7.79 -21.43
CA ASN A 188 23.08 8.84 -22.33
C ASN A 188 23.29 10.13 -21.56
N ALA A 189 24.44 10.74 -21.78
CA ALA A 189 24.62 12.08 -21.30
C ALA A 189 23.45 12.84 -21.96
N ARG A 190 22.61 13.44 -21.12
CA ARG A 190 21.40 14.16 -21.55
C ARG A 190 20.31 13.75 -20.60
N CYS A 191 20.56 12.65 -19.89
CA CYS A 191 19.63 12.14 -18.90
C CYS A 191 19.91 12.64 -17.49
N GLY B 1 5.73 8.45 12.48
CA GLY B 1 4.76 9.39 13.11
C GLY B 1 5.50 10.62 13.56
N HIS B 2 6.41 10.40 14.51
CA HIS B 2 7.36 11.40 15.01
C HIS B 2 8.14 12.02 13.87
N MET B 3 8.94 11.19 13.19
CA MET B 3 9.92 11.62 12.18
C MET B 3 9.37 12.18 10.87
N ASN B 4 9.94 13.31 10.47
CA ASN B 4 9.48 13.98 9.26
C ASN B 4 10.33 13.64 8.03
N ASP B 5 11.41 12.87 8.23
CA ASP B 5 12.19 12.29 7.12
C ASP B 5 11.84 10.85 6.74
N ALA B 6 10.72 10.32 7.26
CA ALA B 6 10.26 8.93 6.89
C ALA B 6 8.79 8.63 7.12
N LEU B 7 8.29 7.68 6.32
CA LEU B 7 7.07 7.00 6.71
C LEU B 7 7.56 5.88 7.67
N HIS B 8 7.13 5.92 8.94
CA HIS B 8 7.64 5.02 10.00
C HIS B 8 6.50 4.39 10.73
N ILE B 9 6.28 3.08 10.54
CA ILE B 9 5.22 2.38 11.27
C ILE B 9 5.86 1.44 12.29
N GLY B 10 5.75 1.78 13.56
CA GLY B 10 6.38 1.00 14.71
C GLY B 10 5.63 -0.33 14.90
N LEU B 11 6.34 -1.39 15.27
CA LEU B 11 5.68 -2.66 15.45
C LEU B 11 5.66 -2.91 16.94
N PRO B 12 4.56 -3.50 17.46
CA PRO B 12 4.44 -3.85 18.88
C PRO B 12 5.49 -5.01 19.23
N PRO B 13 5.86 -5.18 20.53
CA PRO B 13 6.90 -6.16 20.85
C PRO B 13 6.71 -7.63 20.29
N PHE B 14 5.50 -8.22 20.40
CA PHE B 14 5.37 -9.57 19.88
C PHE B 14 5.73 -9.64 18.39
N LEU B 15 5.54 -8.53 17.70
CA LEU B 15 5.70 -8.56 16.22
C LEU B 15 7.16 -8.26 15.88
N VAL B 16 7.80 -7.42 16.70
CA VAL B 16 9.24 -7.25 16.54
C VAL B 16 9.88 -8.64 16.71
N GLN B 17 9.43 -9.33 17.78
CA GLN B 17 10.00 -10.63 18.08
C GLN B 17 9.70 -11.63 16.94
N ALA B 18 8.44 -11.69 16.47
CA ALA B 18 8.08 -12.59 15.32
C ALA B 18 8.99 -12.34 14.14
N ASN B 19 9.35 -11.05 13.91
CA ASN B 19 10.27 -10.69 12.81
C ASN B 19 11.76 -10.95 13.00
N ASN B 20 12.18 -11.27 14.22
CA ASN B 20 13.61 -11.47 14.50
C ASN B 20 13.87 -12.79 15.21
N GLU B 21 12.95 -13.71 15.15
CA GLU B 21 13.16 -15.01 15.76
C GLU B 21 13.12 -16.08 14.69
N PRO B 22 14.08 -17.02 14.73
CA PRO B 22 14.13 -18.03 13.68
C PRO B 22 12.96 -19.02 13.77
N ARG B 23 12.27 -19.27 12.65
CA ARG B 23 11.18 -20.23 12.67
C ARG B 23 11.10 -20.86 11.31
N VAL B 24 11.08 -22.18 11.31
CA VAL B 24 10.89 -22.94 10.08
C VAL B 24 9.63 -23.80 10.29
N LEU B 25 8.57 -23.56 9.50
CA LEU B 25 7.30 -24.27 9.61
C LEU B 25 6.95 -24.89 8.27
N ALA B 26 7.29 -26.15 8.07
CA ALA B 26 7.12 -26.85 6.80
C ALA B 26 5.66 -26.96 6.31
N ALA B 27 4.74 -27.45 7.15
CA ALA B 27 3.37 -27.74 6.67
C ALA B 27 2.57 -26.44 6.52
N PRO B 28 1.65 -26.40 5.55
CA PRO B 28 0.83 -25.21 5.38
C PRO B 28 0.05 -24.87 6.64
N GLU B 29 -0.46 -25.91 7.31
CA GLU B 29 -1.28 -25.66 8.50
C GLU B 29 -0.46 -25.15 9.67
N ALA B 30 0.79 -25.61 9.77
CA ALA B 30 1.73 -25.05 10.74
C ALA B 30 2.03 -23.54 10.48
N ARG B 31 2.27 -23.18 9.22
CA ARG B 31 2.43 -21.76 8.89
C ARG B 31 1.15 -20.98 9.33
N MET B 32 -0.01 -21.52 8.96
CA MET B 32 -1.25 -20.76 9.26
C MET B 32 -1.53 -20.73 10.78
N GLY B 33 -1.20 -21.80 11.47
CA GLY B 33 -1.39 -21.84 12.90
C GLY B 33 -0.55 -20.72 13.48
N TYR B 34 0.67 -20.56 12.98
CA TYR B 34 1.53 -19.47 13.53
C TYR B 34 0.93 -18.04 13.26
N VAL B 35 0.51 -17.82 12.02
CA VAL B 35 -0.21 -16.59 11.72
C VAL B 35 -1.44 -16.35 12.65
N LEU B 36 -2.22 -17.40 12.94
CA LEU B 36 -3.36 -17.24 13.89
C LEU B 36 -2.86 -16.86 15.29
N GLU B 37 -1.72 -17.42 15.78
CA GLU B 37 -1.18 -16.89 17.09
C GLU B 37 -0.93 -15.37 17.04
N LEU B 38 -0.41 -14.92 15.88
CA LEU B 38 -0.17 -13.49 15.70
C LEU B 38 -1.48 -12.69 15.74
N VAL B 39 -2.55 -13.27 15.23
CA VAL B 39 -3.82 -12.57 15.18
C VAL B 39 -4.20 -12.29 16.63
N ARG B 40 -4.11 -13.30 17.47
CA ARG B 40 -4.58 -13.13 18.85
C ARG B 40 -3.64 -12.17 19.58
N ALA B 41 -2.35 -12.27 19.34
CA ALA B 41 -1.42 -11.30 19.97
C ALA B 41 -1.72 -9.84 19.59
N ASN B 42 -2.01 -9.63 18.31
CA ASN B 42 -2.31 -8.32 17.81
C ASN B 42 -3.55 -7.66 18.40
N ILE B 43 -4.60 -8.48 18.51
CA ILE B 43 -5.82 -8.05 19.24
C ILE B 43 -5.46 -7.57 20.65
N ALA B 44 -4.65 -8.34 21.39
CA ALA B 44 -4.26 -7.92 22.74
C ALA B 44 -3.37 -6.67 22.71
N ALA B 45 -2.65 -6.48 21.61
CA ALA B 45 -1.88 -5.22 21.41
C ALA B 45 -2.66 -4.09 20.65
N ASP B 46 -3.98 -4.07 20.78
CA ASP B 46 -4.86 -3.00 20.25
C ASP B 46 -4.96 -2.96 18.74
N GLY B 47 -4.71 -4.07 18.06
CA GLY B 47 -4.74 -4.02 16.56
C GLY B 47 -6.00 -4.76 16.07
N GLY B 48 -6.21 -4.75 14.76
CA GLY B 48 -7.34 -5.40 14.15
C GLY B 48 -7.07 -6.92 14.10
N PRO B 49 -8.11 -7.70 13.88
CA PRO B 49 -7.91 -9.16 14.06
C PRO B 49 -7.37 -9.79 12.76
N PHE B 50 -6.20 -9.30 12.29
CA PHE B 50 -5.58 -9.80 11.01
C PHE B 50 -4.09 -9.86 11.16
N ALA B 51 -3.49 -10.93 10.64
CA ALA B 51 -2.03 -11.12 10.61
C ALA B 51 -1.70 -11.82 9.30
N ALA B 52 -0.45 -11.75 8.91
CA ALA B 52 0.03 -12.47 7.69
C ALA B 52 1.50 -12.61 7.88
N ALA B 53 2.07 -13.51 7.13
CA ALA B 53 3.53 -13.71 7.20
C ALA B 53 4.00 -14.20 5.88
N VAL B 54 5.20 -13.81 5.51
CA VAL B 54 5.75 -14.28 4.27
C VAL B 54 6.73 -15.42 4.67
N PHE B 55 6.59 -16.57 4.01
CA PHE B 55 7.46 -17.71 4.19
C PHE B 55 8.18 -18.03 2.86
N GLU B 56 9.36 -18.69 2.92
CA GLU B 56 9.89 -19.39 1.75
C GLU B 56 8.92 -20.49 1.42
N ARG B 57 8.42 -20.52 0.19
CA ARG B 57 7.34 -21.41 -0.11
C ARG B 57 7.66 -22.91 0.14
N ASP B 58 8.86 -23.31 -0.22
CA ASP B 58 9.22 -24.74 -0.10
C ASP B 58 9.66 -25.17 1.32
N SER B 59 10.67 -24.50 1.86
CA SER B 59 11.15 -24.82 3.21
C SER B 59 10.21 -24.38 4.36
N GLY B 60 9.38 -23.36 4.15
CA GLY B 60 8.62 -22.83 5.31
C GLY B 60 9.46 -21.99 6.29
N LEU B 61 10.65 -21.52 5.85
CA LEU B 61 11.37 -20.50 6.63
C LEU B 61 10.61 -19.16 6.66
N LEU B 62 10.34 -18.65 7.86
CA LEU B 62 9.58 -17.47 8.04
C LEU B 62 10.51 -16.32 7.68
N ILE B 63 10.05 -15.43 6.81
CA ILE B 63 10.87 -14.29 6.41
C ILE B 63 10.39 -13.05 7.15
N ALA B 64 9.08 -12.84 7.27
CA ALA B 64 8.61 -11.64 7.96
C ALA B 64 7.14 -11.82 8.25
N ALA B 65 6.63 -11.03 9.19
CA ALA B 65 5.27 -11.15 9.66
C ALA B 65 4.72 -9.72 9.81
N GLY B 66 3.42 -9.59 9.54
CA GLY B 66 2.73 -8.28 9.69
C GLY B 66 1.37 -8.50 10.34
N THR B 67 0.83 -7.48 10.98
CA THR B 67 -0.53 -7.56 11.48
C THR B 67 -1.20 -6.21 11.16
N ASN B 68 -2.51 -6.13 11.35
CA ASN B 68 -3.23 -4.90 11.10
C ASN B 68 -2.83 -3.94 12.24
N ARG B 69 -2.17 -2.83 11.87
CA ARG B 69 -1.74 -1.79 12.82
C ARG B 69 -2.42 -0.43 12.47
N VAL B 70 -3.62 -0.50 11.88
CA VAL B 70 -4.27 0.72 11.32
C VAL B 70 -4.51 1.80 12.40
N VAL B 71 -5.17 1.38 13.46
CA VAL B 71 -5.61 2.38 14.45
C VAL B 71 -4.45 2.83 15.33
N PRO B 72 -3.75 1.87 15.96
CA PRO B 72 -2.65 2.32 16.84
C PRO B 72 -1.49 2.95 16.03
N GLY B 73 -1.37 2.53 14.76
CA GLY B 73 -0.35 3.07 13.85
C GLY B 73 -0.81 4.36 13.16
N ARG B 74 -2.10 4.72 13.25
CA ARG B 74 -2.62 5.90 12.52
C ARG B 74 -2.31 5.82 11.02
N CYS B 75 -2.67 4.70 10.40
CA CYS B 75 -2.25 4.45 9.01
C CYS B 75 -3.21 3.47 8.41
N SER B 76 -4.12 3.95 7.55
CA SER B 76 -5.07 3.11 6.91
C SER B 76 -4.45 2.06 5.94
N ALA B 77 -3.20 2.25 5.56
CA ALA B 77 -2.55 1.30 4.68
C ALA B 77 -1.87 0.17 5.47
N ALA B 78 -1.84 0.32 6.81
CA ALA B 78 -1.13 -0.69 7.62
C ALA B 78 -1.95 -1.97 7.83
N HIS B 79 -2.41 -2.59 6.74
CA HIS B 79 -3.01 -3.93 6.85
C HIS B 79 -1.93 -4.93 7.07
N ALA B 80 -2.30 -6.11 7.55
CA ALA B 80 -1.31 -7.16 7.86
C ALA B 80 -0.47 -7.48 6.67
N GLU B 81 -1.10 -7.62 5.50
CA GLU B 81 -0.40 -8.02 4.25
C GLU B 81 0.66 -6.98 3.80
N ILE B 82 0.29 -5.69 3.89
CA ILE B 82 1.21 -4.62 3.44
C ILE B 82 2.46 -4.65 4.34
N LEU B 83 2.27 -4.77 5.65
CA LEU B 83 3.40 -4.88 6.54
C LEU B 83 4.24 -6.12 6.26
N ALA B 84 3.62 -7.29 6.16
CA ALA B 84 4.35 -8.56 5.98
C ALA B 84 5.16 -8.50 4.68
N LEU B 85 4.52 -8.12 3.57
CA LEU B 85 5.23 -8.02 2.26
C LEU B 85 6.38 -7.00 2.29
N SER B 86 6.09 -5.80 2.79
CA SER B 86 7.11 -4.73 2.94
C SER B 86 8.29 -5.11 3.85
N LEU B 87 8.03 -5.69 5.02
CA LEU B 87 9.11 -6.15 5.86
C LEU B 87 9.88 -7.28 5.22
N ALA B 88 9.19 -8.19 4.56
CA ALA B 88 9.97 -9.25 3.79
C ALA B 88 10.95 -8.61 2.77
N GLN B 89 10.48 -7.55 2.07
CA GLN B 89 11.25 -6.96 0.94
C GLN B 89 12.44 -6.26 1.55
N ALA B 90 12.18 -5.64 2.70
CA ALA B 90 13.25 -4.99 3.46
C ALA B 90 14.35 -5.98 3.87
N LYS B 91 13.92 -7.11 4.42
CA LYS B 91 14.88 -8.07 4.89
C LYS B 91 15.68 -8.72 3.75
N LEU B 92 15.04 -8.95 2.61
CA LEU B 92 15.69 -9.57 1.49
C LEU B 92 16.35 -8.52 0.59
N ASP B 93 16.29 -7.25 0.98
CA ASP B 93 16.93 -6.16 0.25
C ASP B 93 16.46 -6.04 -1.20
N THR B 94 15.16 -6.17 -1.47
CA THR B 94 14.69 -5.95 -2.85
C THR B 94 13.23 -5.53 -2.82
N HIS B 95 12.75 -4.77 -3.79
CA HIS B 95 11.35 -4.43 -3.86
C HIS B 95 10.58 -5.53 -4.55
N ASP B 96 11.28 -6.55 -5.02
CA ASP B 96 10.62 -7.59 -5.81
C ASP B 96 10.95 -9.00 -5.33
N LEU B 97 9.96 -9.68 -4.74
CA LEU B 97 10.27 -10.96 -4.10
C LEU B 97 10.55 -12.10 -5.10
N SER B 98 10.40 -11.85 -6.42
CA SER B 98 10.68 -12.92 -7.31
C SER B 98 11.92 -12.52 -8.12
N ALA B 99 12.77 -11.66 -7.54
CA ALA B 99 14.04 -11.22 -8.16
C ALA B 99 14.92 -12.49 -8.36
N ASP B 100 15.62 -12.53 -9.49
CA ASP B 100 16.33 -13.72 -9.90
C ASP B 100 17.24 -14.22 -8.75
N GLY B 101 17.17 -15.52 -8.51
CA GLY B 101 17.88 -16.21 -7.41
C GLY B 101 17.34 -16.08 -5.99
N LEU B 102 16.21 -15.42 -5.78
CA LEU B 102 15.58 -15.45 -4.47
C LEU B 102 14.67 -16.69 -4.45
N PRO B 103 14.50 -17.35 -3.29
CA PRO B 103 13.56 -18.44 -3.30
C PRO B 103 12.13 -17.96 -3.44
N ALA B 104 11.31 -18.78 -4.03
CA ALA B 104 9.84 -18.48 -4.19
C ALA B 104 9.29 -18.17 -2.78
N CYS B 105 8.58 -17.07 -2.67
CA CYS B 105 7.95 -16.67 -1.46
C CYS B 105 6.44 -16.85 -1.48
N GLU B 106 5.86 -16.96 -0.26
CA GLU B 106 4.47 -17.21 -0.10
C GLU B 106 3.89 -16.30 1.01
N LEU B 107 2.74 -15.70 0.74
CA LEU B 107 2.11 -14.91 1.74
C LEU B 107 1.01 -15.80 2.37
N VAL B 108 1.12 -16.05 3.66
CA VAL B 108 0.11 -16.81 4.43
C VAL B 108 -0.64 -15.77 5.26
N THR B 109 -1.93 -15.66 5.02
CA THR B 109 -2.76 -14.59 5.60
CA THR B 109 -2.73 -14.58 5.62
C THR B 109 -3.93 -15.15 6.38
N SER B 110 -4.26 -14.49 7.51
CA SER B 110 -5.43 -14.93 8.33
C SER B 110 -6.81 -14.72 7.64
N ALA B 111 -6.88 -13.87 6.63
CA ALA B 111 -8.16 -13.69 5.90
C ALA B 111 -7.85 -13.30 4.44
N GLU B 112 -8.85 -13.44 3.56
CA GLU B 112 -8.70 -13.06 2.14
C GLU B 112 -8.41 -11.58 2.06
N PRO B 113 -7.60 -11.14 1.10
CA PRO B 113 -7.16 -9.74 1.15
C PRO B 113 -8.23 -8.78 0.70
N CYS B 114 -8.20 -7.54 1.20
CA CYS B 114 -9.12 -6.47 0.67
C CYS B 114 -8.58 -6.02 -0.70
N VAL B 115 -9.27 -5.11 -1.41
CA VAL B 115 -8.83 -4.68 -2.75
C VAL B 115 -7.45 -3.99 -2.75
N MET B 116 -7.12 -3.32 -1.63
CA MET B 116 -5.81 -2.73 -1.50
C MET B 116 -4.71 -3.82 -1.41
N CYS B 117 -4.92 -4.76 -0.50
CA CYS B 117 -3.94 -5.86 -0.33
C CYS B 117 -3.81 -6.77 -1.53
N PHE B 118 -4.90 -6.90 -2.27
CA PHE B 118 -4.94 -7.66 -3.51
C PHE B 118 -3.98 -7.06 -4.49
N GLY B 119 -4.05 -5.72 -4.66
CA GLY B 119 -3.03 -4.99 -5.45
C GLY B 119 -1.62 -5.20 -4.89
N ALA B 120 -1.45 -5.03 -3.58
CA ALA B 120 -0.11 -5.16 -2.96
C ALA B 120 0.48 -6.57 -3.24
N VAL B 121 -0.39 -7.56 -3.15
CA VAL B 121 0.11 -8.93 -3.39
C VAL B 121 0.62 -9.05 -4.87
N ILE B 122 -0.15 -8.51 -5.81
CA ILE B 122 0.31 -8.52 -7.22
C ILE B 122 1.69 -7.88 -7.48
N TRP B 123 1.94 -6.75 -6.87
CA TRP B 123 3.23 -6.04 -7.12
C TRP B 123 4.37 -6.62 -6.34
N SER B 124 4.09 -7.39 -5.32
CA SER B 124 5.13 -7.76 -4.32
C SER B 124 6.17 -8.78 -4.81
N GLY B 125 5.77 -9.64 -5.77
CA GLY B 125 6.63 -10.74 -6.25
C GLY B 125 6.40 -12.05 -5.55
N VAL B 126 5.47 -12.12 -4.58
CA VAL B 126 5.16 -13.44 -3.98
C VAL B 126 4.52 -14.33 -5.05
N ARG B 127 4.73 -15.65 -4.95
CA ARG B 127 4.24 -16.60 -5.99
C ARG B 127 3.10 -17.42 -5.45
N SER B 128 2.77 -17.19 -4.18
CA SER B 128 1.70 -17.99 -3.58
C SER B 128 0.99 -17.19 -2.51
N LEU B 129 -0.33 -17.31 -2.46
CA LEU B 129 -1.11 -16.72 -1.40
C LEU B 129 -1.98 -17.84 -0.74
N VAL B 130 -1.98 -17.92 0.60
CA VAL B 130 -2.73 -18.93 1.34
C VAL B 130 -3.55 -18.23 2.40
N CYS B 131 -4.89 -18.36 2.33
CA CYS B 131 -5.81 -17.58 3.21
C CYS B 131 -6.58 -18.50 4.15
N ALA B 132 -6.92 -17.98 5.36
CA ALA B 132 -7.76 -18.73 6.28
C ALA B 132 -9.21 -18.35 6.13
N ALA B 133 -9.60 -17.28 6.85
CA ALA B 133 -10.97 -16.78 6.78
C ALA B 133 -11.38 -16.31 5.33
N ARG B 134 -12.63 -16.54 4.93
CA ARG B 134 -13.08 -16.05 3.64
C ARG B 134 -13.58 -14.63 3.78
N SER B 135 -13.78 -13.99 2.63
CA SER B 135 -14.40 -12.67 2.49
C SER B 135 -15.67 -12.50 3.24
N ASP B 136 -16.59 -13.46 3.10
CA ASP B 136 -17.83 -13.50 3.88
C ASP B 136 -17.61 -13.42 5.39
N ASP B 137 -16.65 -14.18 5.87
CA ASP B 137 -16.38 -14.26 7.27
C ASP B 137 -15.97 -12.87 7.77
N VAL B 138 -15.18 -12.18 6.95
CA VAL B 138 -14.66 -10.87 7.29
C VAL B 138 -15.78 -9.77 7.31
N GLU B 139 -16.65 -9.72 6.29
CA GLU B 139 -17.82 -8.85 6.25
C GLU B 139 -18.76 -9.13 7.40
N ALA B 140 -18.84 -10.40 7.81
CA ALA B 140 -19.71 -10.82 8.89
C ALA B 140 -19.25 -10.30 10.22
N ILE B 141 -18.05 -9.72 10.35
CA ILE B 141 -17.80 -8.91 11.59
C ILE B 141 -17.58 -7.41 11.32
N GLY B 142 -18.04 -6.93 10.16
CA GLY B 142 -18.07 -5.50 9.87
C GLY B 142 -16.78 -4.91 9.26
N PHE B 143 -15.85 -5.73 8.80
CA PHE B 143 -14.75 -5.22 7.93
C PHE B 143 -15.16 -5.25 6.46
N ASP B 144 -14.75 -4.24 5.73
CA ASP B 144 -15.06 -4.10 4.31
C ASP B 144 -13.85 -4.65 3.45
N GLU B 145 -14.12 -5.52 2.46
CA GLU B 145 -13.13 -5.98 1.48
C GLU B 145 -12.98 -4.99 0.31
N GLY B 146 -13.89 -4.03 0.19
CA GLY B 146 -13.88 -3.03 -0.87
C GLY B 146 -14.27 -3.65 -2.21
N PRO B 147 -14.35 -2.83 -3.25
CA PRO B 147 -14.67 -3.29 -4.62
C PRO B 147 -13.46 -4.01 -5.25
N ARG B 148 -13.30 -5.30 -4.97
CA ARG B 148 -12.28 -6.09 -5.61
C ARG B 148 -12.80 -6.44 -6.99
N PRO B 149 -11.90 -6.64 -8.01
CA PRO B 149 -12.44 -7.18 -9.26
C PRO B 149 -13.16 -8.52 -9.08
N GLU B 150 -14.18 -8.71 -9.91
CA GLU B 150 -14.88 -9.96 -10.03
C GLU B 150 -13.78 -10.93 -10.36
N ASN B 151 -13.79 -12.08 -9.72
CA ASN B 151 -12.78 -13.09 -9.96
C ASN B 151 -11.33 -12.68 -9.66
N TRP B 152 -11.18 -12.03 -8.50
CA TRP B 152 -9.89 -11.68 -7.94
C TRP B 152 -8.97 -12.86 -7.84
N MET B 153 -9.45 -14.05 -7.43
CA MET B 153 -8.56 -15.21 -7.39
C MET B 153 -7.94 -15.57 -8.75
N GLY B 154 -8.77 -15.51 -9.81
CA GLY B 154 -8.34 -15.92 -11.17
C GLY B 154 -7.33 -14.85 -11.61
N GLY B 155 -7.52 -13.63 -11.13
CA GLY B 155 -6.60 -12.49 -11.42
C GLY B 155 -5.20 -12.75 -10.92
N LEU B 156 -5.12 -13.28 -9.69
CA LEU B 156 -3.84 -13.66 -9.09
C LEU B 156 -3.26 -14.83 -9.85
N GLU B 157 -4.10 -15.81 -10.09
CA GLU B 157 -3.61 -17.03 -10.71
C GLU B 157 -3.09 -16.73 -12.11
N ALA B 158 -3.75 -15.83 -12.84
CA ALA B 158 -3.29 -15.45 -14.21
C ALA B 158 -1.99 -14.74 -14.18
N ARG B 159 -1.61 -14.19 -13.02
CA ARG B 159 -0.36 -13.53 -12.91
C ARG B 159 0.67 -14.46 -12.24
N GLY B 160 0.41 -15.75 -12.12
CA GLY B 160 1.47 -16.67 -11.58
C GLY B 160 1.49 -16.75 -10.04
N ILE B 161 0.42 -16.30 -9.39
CA ILE B 161 0.33 -16.42 -7.94
C ILE B 161 -0.72 -17.47 -7.65
N THR B 162 -0.30 -18.62 -7.14
CA THR B 162 -1.29 -19.62 -6.79
C THR B 162 -2.07 -19.17 -5.50
N VAL B 163 -3.35 -19.51 -5.45
CA VAL B 163 -4.23 -19.13 -4.36
C VAL B 163 -4.83 -20.37 -3.74
N THR B 164 -4.75 -20.50 -2.41
CA THR B 164 -5.42 -21.50 -1.61
C THR B 164 -6.23 -20.73 -0.62
N THR B 165 -7.49 -21.14 -0.41
CA THR B 165 -8.26 -20.50 0.63
C THR B 165 -8.97 -21.46 1.57
N GLY B 166 -9.55 -20.93 2.65
CA GLY B 166 -10.19 -21.84 3.63
C GLY B 166 -9.29 -22.63 4.58
N LEU B 167 -7.96 -22.42 4.56
CA LEU B 167 -7.03 -23.23 5.33
C LEU B 167 -7.11 -22.80 6.82
N LEU B 168 -7.59 -23.69 7.68
CA LEU B 168 -7.84 -23.38 9.14
C LEU B 168 -8.88 -22.27 9.29
N ARG B 169 -9.79 -22.27 8.33
CA ARG B 169 -10.87 -21.28 8.31
C ARG B 169 -11.63 -21.19 9.62
N ASP B 170 -11.97 -22.37 10.18
CA ASP B 170 -12.76 -22.39 11.39
C ASP B 170 -12.00 -21.82 12.57
N ALA B 171 -10.72 -22.13 12.67
CA ALA B 171 -9.92 -21.56 13.76
C ALA B 171 -9.84 -20.04 13.59
N ALA B 172 -9.64 -19.57 12.34
CA ALA B 172 -9.48 -18.13 12.13
C ALA B 172 -10.78 -17.43 12.43
N CYS B 173 -11.89 -18.05 12.04
CA CYS B 173 -13.23 -17.48 12.35
C CYS B 173 -13.50 -17.39 13.83
N ALA B 174 -13.01 -18.35 14.62
CA ALA B 174 -13.26 -18.28 16.06
C ALA B 174 -12.58 -17.05 16.59
N LEU B 175 -11.40 -16.70 16.05
CA LEU B 175 -10.77 -15.44 16.51
C LEU B 175 -11.49 -14.17 16.00
N LEU B 176 -12.01 -14.23 14.76
CA LEU B 176 -12.80 -13.08 14.28
C LEU B 176 -13.98 -12.80 15.22
N ARG B 177 -14.74 -13.86 15.52
CA ARG B 177 -15.91 -13.81 16.37
C ARG B 177 -15.55 -13.26 17.75
N GLU B 178 -14.45 -13.72 18.28
CA GLU B 178 -14.02 -13.24 19.59
C GLU B 178 -13.74 -11.73 19.57
N TYR B 179 -13.05 -11.28 18.51
CA TYR B 179 -12.76 -9.87 18.33
C TYR B 179 -14.06 -9.04 18.35
N ASN B 180 -15.02 -9.50 17.54
CA ASN B 180 -16.25 -8.81 17.32
C ASN B 180 -17.03 -8.74 18.63
N ALA B 181 -17.02 -9.83 19.41
CA ALA B 181 -17.71 -9.90 20.69
C ALA B 181 -17.08 -8.94 21.74
N CYS B 182 -15.78 -8.73 21.71
CA CYS B 182 -15.13 -7.81 22.59
C CYS B 182 -14.70 -6.51 21.82
#